data_8PAV
#
_entry.id   8PAV
#
_cell.length_a   75.310
_cell.length_b   104.966
_cell.length_c   110.188
_cell.angle_alpha   90.00
_cell.angle_beta   90.00
_cell.angle_gamma   90.00
#
_symmetry.space_group_name_H-M   'P 21 21 21'
#
loop_
_entity.id
_entity.type
_entity.pdbx_description
1 polymer 'Serine/threonine-protein kinase 4 37kDa subunit'
2 non-polymer 1-[3,5-bis(fluoranyl)-4-[[3-(1,3-thiazol-5-yl)-1~{H}-pyrrolo[2,3-b]pyridin-4-yl]oxy]phenyl]-3-(2-methoxyethyl)urea
3 non-polymer GLYCEROL
4 non-polymer '3-CYCLOHEXYL-1-PROPYLSULFONIC ACID'
5 water water
#
_entity_poly.entity_id   1
_entity_poly.type   'polypeptide(L)'
_entity_poly.pdbx_seq_one_letter_code
;GMETVQLRNPPRRQLKKLDEDSLTKQPEEVFDVLEKLGEGSYGSVYKAIHKETGQIVAIKQVPVESDLQEIIKEISIMQQ
CDSPHVVKYYGSYFKNTDLWIVMEYCGAGSVSDIIRLRNKTLTEDEIATILQSTLKGLEYLHFMRKIHRDIKAGNILLNT
EGHAKLADFGVAGQLTD(TPO)MAKRN(TPO)VIGTPFWMAPEVIQEIGYNCVADIWSLGITAIEMAEGKPPYADIHPMR
AIFMIPTNPPPTFRKPELWSDNFTDFVKQCLVKSPEQRATATQLLQHPFVRSAKGVSILRDLINEAMDVKLKRQESQQRE
;
_entity_poly.pdbx_strand_id   A,B
#
loop_
_chem_comp.id
_chem_comp.type
_chem_comp.name
_chem_comp.formula
CXS non-polymer '3-CYCLOHEXYL-1-PROPYLSULFONIC ACID' 'C9 H19 N O3 S'
GOL non-polymer GLYCEROL 'C3 H8 O3'
XOZ non-polymer 1-[3,5-bis(fluoranyl)-4-[[3-(1,3-thiazol-5-yl)-1~{H}-pyrrolo[2,3-b]pyridin-4-yl]oxy]phenyl]-3-(2-methoxyethyl)urea 'C20 H17 F2 N5 O3 S'
#
# COMPACT_ATOMS: atom_id res chain seq x y z
N THR A 24 -17.47 33.54 -0.62
CA THR A 24 -16.86 34.63 -1.44
C THR A 24 -15.69 35.30 -0.70
N LYS A 25 -15.52 35.05 0.61
CA LYS A 25 -14.45 35.68 1.43
C LYS A 25 -13.19 34.83 1.28
N GLN A 26 -12.02 35.41 1.57
CA GLN A 26 -10.72 34.70 1.56
C GLN A 26 -10.72 33.68 2.70
N PRO A 27 -10.24 32.44 2.44
CA PRO A 27 -10.31 31.38 3.45
C PRO A 27 -9.65 31.79 4.78
N GLU A 28 -8.54 32.54 4.74
CA GLU A 28 -7.75 32.88 5.95
C GLU A 28 -8.49 33.94 6.78
N GLU A 29 -9.47 34.64 6.22
CA GLU A 29 -10.33 35.59 6.96
C GLU A 29 -11.45 34.82 7.67
N VAL A 30 -11.86 33.67 7.12
CA VAL A 30 -12.97 32.84 7.68
C VAL A 30 -12.39 31.88 8.73
N PHE A 31 -11.20 31.34 8.48
CA PHE A 31 -10.60 30.23 9.26
C PHE A 31 -9.26 30.66 9.81
N ASP A 32 -9.04 30.38 11.11
CA ASP A 32 -7.72 30.43 11.78
C ASP A 32 -7.16 29.00 11.77
N VAL A 33 -6.21 28.71 10.89
CA VAL A 33 -5.65 27.34 10.74
C VAL A 33 -4.72 27.07 11.93
N LEU A 34 -4.92 25.96 12.65
CA LEU A 34 -4.04 25.56 13.79
C LEU A 34 -3.13 24.43 13.32
N GLU A 35 -2.90 23.44 14.18
CA GLU A 35 -2.01 22.26 14.00
C GLU A 35 -2.39 21.43 12.76
N LYS A 36 -1.38 20.89 12.07
CA LYS A 36 -1.52 19.77 11.11
C LYS A 36 -2.06 18.56 11.87
N LEU A 37 -3.00 17.80 11.28
CA LEU A 37 -3.59 16.54 11.81
C LEU A 37 -3.09 15.32 10.99
N GLY A 38 -2.67 15.53 9.74
CA GLY A 38 -2.34 14.45 8.79
C GLY A 38 -1.50 14.96 7.64
N GLU A 39 -0.89 14.05 6.85
CA GLU A 39 0.12 14.40 5.81
C GLU A 39 0.38 13.24 4.85
N GLY A 43 -4.19 13.44 1.35
CA GLY A 43 -3.61 14.80 1.34
C GLY A 43 -3.29 15.29 2.75
N SER A 44 -3.11 16.62 2.87
CA SER A 44 -2.64 17.34 4.10
C SER A 44 -3.83 17.99 4.83
N VAL A 45 -4.05 17.65 6.10
CA VAL A 45 -5.27 18.00 6.89
C VAL A 45 -4.86 18.84 8.10
N TYR A 46 -5.58 19.94 8.36
CA TYR A 46 -5.32 20.89 9.47
C TYR A 46 -6.57 21.05 10.32
N LYS A 47 -6.37 21.19 11.62
CA LYS A 47 -7.41 21.65 12.55
C LYS A 47 -7.52 23.16 12.35
N ALA A 48 -8.71 23.72 12.39
CA ALA A 48 -8.92 25.16 12.16
C ALA A 48 -10.16 25.63 12.92
N ILE A 49 -10.23 26.92 13.18
CA ILE A 49 -11.41 27.53 13.84
C ILE A 49 -12.14 28.38 12.81
N HIS A 50 -13.45 28.15 12.69
CA HIS A 50 -14.37 29.03 11.97
C HIS A 50 -14.58 30.26 12.84
N LYS A 51 -14.03 31.40 12.43
CA LYS A 51 -13.83 32.57 13.33
C LYS A 51 -15.16 33.22 13.69
N GLU A 52 -16.21 33.03 12.89
CA GLU A 52 -17.53 33.68 13.13
C GLU A 52 -18.34 32.91 14.19
N THR A 53 -18.08 31.61 14.40
CA THR A 53 -18.89 30.76 15.33
C THR A 53 -18.03 30.12 16.43
N GLY A 54 -16.70 30.13 16.29
CA GLY A 54 -15.77 29.38 17.16
C GLY A 54 -15.80 27.88 16.94
N GLN A 55 -16.54 27.38 15.95
CA GLN A 55 -16.61 25.94 15.61
C GLN A 55 -15.24 25.46 15.10
N ILE A 56 -14.79 24.31 15.60
CA ILE A 56 -13.57 23.62 15.11
C ILE A 56 -13.96 22.83 13.86
N VAL A 57 -13.12 22.88 12.82
CA VAL A 57 -13.30 22.14 11.55
C VAL A 57 -11.97 21.52 11.20
N ALA A 58 -12.01 20.58 10.26
CA ALA A 58 -10.81 19.98 9.62
C ALA A 58 -10.76 20.52 8.19
N ILE A 59 -9.59 21.00 7.78
CA ILE A 59 -9.39 21.53 6.40
C ILE A 59 -8.36 20.65 5.70
N LYS A 60 -8.78 19.92 4.66
CA LYS A 60 -7.83 19.16 3.80
C LYS A 60 -7.33 20.11 2.72
N GLN A 61 -6.02 20.27 2.60
CA GLN A 61 -5.39 21.14 1.57
C GLN A 61 -4.70 20.25 0.54
N VAL A 62 -5.07 20.38 -0.72
CA VAL A 62 -4.38 19.67 -1.85
C VAL A 62 -4.02 20.69 -2.91
N PRO A 63 -2.87 20.51 -3.61
CA PRO A 63 -2.53 21.34 -4.77
C PRO A 63 -3.63 21.19 -5.83
N VAL A 64 -4.02 22.30 -6.44
CA VAL A 64 -5.00 22.31 -7.55
C VAL A 64 -4.40 21.55 -8.75
N GLU A 65 -3.07 21.51 -8.87
CA GLU A 65 -2.41 20.79 -9.99
C GLU A 65 -2.33 19.27 -9.71
N SER A 66 -2.70 18.78 -8.55
CA SER A 66 -2.63 17.33 -8.23
C SER A 66 -3.79 16.54 -8.89
N ASP A 67 -3.76 15.21 -8.75
CA ASP A 67 -4.83 14.30 -9.24
C ASP A 67 -6.03 14.42 -8.29
N LEU A 68 -7.16 15.00 -8.73
CA LEU A 68 -8.33 15.33 -7.87
C LEU A 68 -9.43 14.27 -8.05
N GLN A 69 -9.18 13.16 -8.76
CA GLN A 69 -10.24 12.19 -9.12
C GLN A 69 -11.03 11.72 -7.87
N GLU A 70 -10.36 11.27 -6.82
CA GLU A 70 -11.07 10.73 -5.63
C GLU A 70 -11.51 11.88 -4.73
N ILE A 71 -10.81 13.00 -4.75
CA ILE A 71 -11.23 14.19 -3.97
C ILE A 71 -12.60 14.64 -4.51
N ILE A 72 -12.75 14.71 -5.81
CA ILE A 72 -14.01 15.16 -6.49
C ILE A 72 -15.10 14.14 -6.17
N LYS A 73 -14.80 12.84 -6.25
CA LYS A 73 -15.76 11.76 -5.93
C LYS A 73 -16.20 11.90 -4.47
N GLU A 74 -15.27 12.00 -3.54
CA GLU A 74 -15.60 11.93 -2.10
C GLU A 74 -16.41 13.17 -1.72
N ILE A 75 -16.08 14.33 -2.30
CA ILE A 75 -16.84 15.56 -1.97
C ILE A 75 -18.25 15.44 -2.56
N SER A 76 -18.41 14.95 -3.79
CA SER A 76 -19.75 14.80 -4.41
C SER A 76 -20.63 13.93 -3.50
N ILE A 77 -20.07 12.87 -2.92
CA ILE A 77 -20.85 11.92 -2.07
C ILE A 77 -21.18 12.59 -0.73
N MET A 78 -20.20 13.18 -0.06
CA MET A 78 -20.43 13.83 1.26
C MET A 78 -21.43 14.96 1.11
N GLN A 79 -21.40 15.72 0.00
CA GLN A 79 -22.32 16.88 -0.17
C GLN A 79 -23.77 16.37 -0.21
N GLN A 80 -24.00 15.16 -0.71
CA GLN A 80 -25.36 14.57 -0.85
C GLN A 80 -25.86 13.98 0.47
N CYS A 81 -24.96 13.80 1.45
CA CYS A 81 -25.28 13.15 2.73
C CYS A 81 -25.61 14.20 3.80
N ASP A 82 -26.63 13.91 4.59
CA ASP A 82 -26.95 14.66 5.82
C ASP A 82 -27.29 13.66 6.91
N SER A 83 -26.27 13.18 7.61
CA SER A 83 -26.43 12.14 8.66
C SER A 83 -25.44 12.44 9.77
N PRO A 84 -25.87 12.31 11.05
CA PRO A 84 -24.92 12.39 12.16
C PRO A 84 -23.86 11.27 12.14
N HIS A 85 -24.02 10.25 11.29
CA HIS A 85 -23.13 9.07 11.22
C HIS A 85 -22.21 9.16 10.01
N VAL A 86 -22.27 10.26 9.24
CA VAL A 86 -21.41 10.50 8.05
C VAL A 86 -20.71 11.86 8.19
N VAL A 87 -19.37 11.90 8.07
CA VAL A 87 -18.57 13.15 8.14
C VAL A 87 -19.20 14.19 7.20
N LYS A 88 -19.48 15.37 7.74
CA LYS A 88 -20.06 16.47 6.95
C LYS A 88 -18.99 17.20 6.14
N TYR A 89 -19.37 17.65 4.95
CA TYR A 89 -18.60 18.54 4.06
C TYR A 89 -19.23 19.92 4.13
N TYR A 90 -18.44 20.97 4.36
CA TYR A 90 -18.96 22.35 4.60
C TYR A 90 -18.73 23.23 3.39
N GLY A 91 -17.73 22.93 2.57
CA GLY A 91 -17.42 23.71 1.36
C GLY A 91 -15.93 23.72 1.05
N SER A 92 -15.56 24.41 -0.04
CA SER A 92 -14.21 24.41 -0.62
C SER A 92 -13.81 25.84 -0.98
N TYR A 93 -12.53 26.15 -0.83
CA TYR A 93 -11.92 27.44 -1.22
C TYR A 93 -10.70 27.16 -2.09
N PHE A 94 -10.39 28.08 -2.99
CA PHE A 94 -9.02 28.27 -3.53
C PHE A 94 -8.27 29.19 -2.59
N LYS A 95 -7.02 28.82 -2.30
CA LYS A 95 -6.03 29.69 -1.63
C LYS A 95 -4.69 29.52 -2.32
N ASN A 96 -4.17 30.58 -2.93
CA ASN A 96 -2.92 30.57 -3.73
C ASN A 96 -3.13 29.55 -4.86
N THR A 97 -2.43 28.41 -4.84
CA THR A 97 -2.60 27.32 -5.84
C THR A 97 -3.04 26.04 -5.13
N ASP A 98 -3.70 26.14 -3.98
CA ASP A 98 -4.28 24.99 -3.26
C ASP A 98 -5.81 25.05 -3.24
N LEU A 99 -6.41 23.87 -3.14
CA LEU A 99 -7.84 23.66 -2.80
C LEU A 99 -7.93 23.34 -1.30
N TRP A 100 -8.73 24.11 -0.58
CA TRP A 100 -9.07 23.87 0.85
C TRP A 100 -10.44 23.21 0.92
N ILE A 101 -10.52 22.02 1.52
CA ILE A 101 -11.77 21.24 1.68
C ILE A 101 -12.12 21.25 3.16
N VAL A 102 -13.22 21.92 3.51
CA VAL A 102 -13.65 22.12 4.91
C VAL A 102 -14.64 21.03 5.32
N MET A 103 -14.34 20.35 6.41
CA MET A 103 -15.15 19.20 6.85
C MET A 103 -15.30 19.20 8.37
N GLU A 104 -16.27 18.40 8.82
CA GLU A 104 -16.55 18.14 10.23
C GLU A 104 -15.27 17.63 10.90
N TYR A 105 -14.94 18.17 12.06
CA TYR A 105 -13.73 17.80 12.84
C TYR A 105 -14.04 16.60 13.73
N CYS A 106 -13.27 15.52 13.59
CA CYS A 106 -13.39 14.28 14.42
C CYS A 106 -12.09 14.13 15.21
N GLY A 107 -12.04 14.73 16.40
CA GLY A 107 -10.80 15.02 17.12
C GLY A 107 -10.08 13.78 17.64
N ALA A 108 -10.76 12.66 17.83
CA ALA A 108 -10.15 11.41 18.33
C ALA A 108 -9.46 10.67 17.18
N GLY A 109 -9.66 11.10 15.93
CA GLY A 109 -9.11 10.43 14.73
C GLY A 109 -9.83 9.12 14.43
N SER A 110 -9.18 8.23 13.70
CA SER A 110 -9.76 6.96 13.22
C SER A 110 -9.70 5.91 14.34
N VAL A 111 -10.58 4.91 14.25
CA VAL A 111 -10.52 3.74 15.15
C VAL A 111 -9.15 3.08 15.03
N SER A 112 -8.59 2.94 13.82
CA SER A 112 -7.25 2.31 13.65
C SER A 112 -6.18 3.19 14.33
N ASP A 113 -6.30 4.52 14.28
CA ASP A 113 -5.41 5.45 15.03
C ASP A 113 -5.49 5.14 16.53
N ILE A 114 -6.70 5.06 17.06
CA ILE A 114 -6.95 4.83 18.52
C ILE A 114 -6.35 3.47 18.94
N ILE A 115 -6.48 2.43 18.12
CA ILE A 115 -5.88 1.09 18.41
C ILE A 115 -4.36 1.24 18.47
N ARG A 116 -3.75 1.85 17.44
CA ARG A 116 -2.28 2.09 17.34
C ARG A 116 -1.79 2.91 18.54
N LEU A 117 -2.43 4.05 18.83
CA LEU A 117 -1.95 5.03 19.85
C LEU A 117 -1.96 4.37 21.24
N ARG A 118 -3.03 3.67 21.62
CA ARG A 118 -3.16 3.03 22.94
C ARG A 118 -2.42 1.68 22.95
N ASN A 119 -1.97 1.22 21.77
CA ASN A 119 -1.37 -0.12 21.58
C ASN A 119 -2.27 -1.18 22.24
N LYS A 120 -3.58 -1.09 22.02
CA LYS A 120 -4.58 -2.05 22.56
C LYS A 120 -5.75 -2.20 21.59
N THR A 121 -6.21 -3.43 21.39
CA THR A 121 -7.45 -3.76 20.64
C THR A 121 -8.65 -3.30 21.48
N LEU A 122 -9.82 -3.19 20.86
CA LEU A 122 -11.05 -2.71 21.56
C LEU A 122 -11.75 -3.90 22.21
N THR A 123 -12.39 -3.63 23.36
CA THR A 123 -13.27 -4.59 24.05
C THR A 123 -14.54 -4.79 23.21
N GLU A 124 -15.28 -5.88 23.46
CA GLU A 124 -16.59 -6.17 22.84
C GLU A 124 -17.53 -4.99 23.02
N ASP A 125 -17.63 -4.44 24.22
CA ASP A 125 -18.57 -3.32 24.49
C ASP A 125 -18.19 -2.11 23.64
N GLU A 126 -16.90 -1.78 23.57
CA GLU A 126 -16.40 -0.64 22.78
C GLU A 126 -16.74 -0.89 21.30
N ILE A 127 -16.53 -2.11 20.80
CA ILE A 127 -16.80 -2.47 19.39
C ILE A 127 -18.31 -2.39 19.11
N ALA A 128 -19.16 -2.90 20.00
CA ALA A 128 -20.63 -2.88 19.84
C ALA A 128 -21.11 -1.43 19.68
N THR A 129 -20.59 -0.51 20.51
CA THR A 129 -21.00 0.91 20.50
C THR A 129 -20.56 1.54 19.18
N ILE A 130 -19.33 1.31 18.75
CA ILE A 130 -18.80 1.93 17.50
C ILE A 130 -19.56 1.36 16.31
N LEU A 131 -19.78 0.05 16.29
CA LEU A 131 -20.42 -0.60 15.12
C LEU A 131 -21.93 -0.29 15.12
N GLN A 132 -22.55 0.02 16.25
CA GLN A 132 -23.98 0.47 16.22
C GLN A 132 -24.08 1.76 15.39
N SER A 133 -23.23 2.74 15.67
N SER A 133 -23.23 2.74 15.68
CA SER A 133 -23.22 4.04 14.96
CA SER A 133 -23.20 4.05 14.97
C SER A 133 -22.77 3.84 13.51
C SER A 133 -22.77 3.83 13.52
N THR A 134 -21.76 2.98 13.29
CA THR A 134 -21.33 2.63 11.91
C THR A 134 -22.52 2.07 11.12
N LEU A 135 -23.27 1.13 11.69
CA LEU A 135 -24.44 0.49 11.05
C LEU A 135 -25.53 1.54 10.77
N LYS A 136 -25.75 2.52 11.65
CA LYS A 136 -26.73 3.59 11.36
C LYS A 136 -26.26 4.39 10.15
N GLY A 137 -24.96 4.66 10.06
CA GLY A 137 -24.41 5.31 8.85
C GLY A 137 -24.59 4.45 7.61
N LEU A 138 -24.35 3.15 7.70
CA LEU A 138 -24.56 2.22 6.56
C LEU A 138 -26.05 2.16 6.19
N GLU A 139 -26.95 2.11 7.18
CA GLU A 139 -28.42 2.06 6.90
C GLU A 139 -28.78 3.32 6.08
N TYR A 140 -28.26 4.47 6.47
CA TYR A 140 -28.55 5.77 5.79
C TYR A 140 -27.99 5.71 4.35
N LEU A 141 -26.70 5.37 4.19
CA LEU A 141 -26.07 5.30 2.84
C LEU A 141 -26.88 4.33 1.94
N HIS A 142 -27.21 3.15 2.46
CA HIS A 142 -27.86 2.07 1.67
C HIS A 142 -29.25 2.53 1.25
N PHE A 143 -29.96 3.25 2.13
CA PHE A 143 -31.28 3.82 1.77
C PHE A 143 -31.11 4.78 0.58
N MET A 144 -30.02 5.54 0.56
CA MET A 144 -29.70 6.54 -0.49
C MET A 144 -29.01 5.83 -1.69
N ARG A 145 -28.96 4.50 -1.69
CA ARG A 145 -28.46 3.65 -2.81
C ARG A 145 -26.96 3.87 -3.01
N LYS A 146 -26.25 4.26 -1.95
CA LYS A 146 -24.78 4.40 -1.95
C LYS A 146 -24.14 3.15 -1.32
N ILE A 147 -22.97 2.79 -1.84
CA ILE A 147 -22.10 1.71 -1.33
C ILE A 147 -20.79 2.40 -0.96
N HIS A 148 -20.39 2.38 0.31
CA HIS A 148 -19.11 2.99 0.76
C HIS A 148 -17.94 2.34 0.02
N ARG A 149 -17.90 1.00 0.05
CA ARG A 149 -16.92 0.11 -0.61
C ARG A 149 -15.51 0.16 0.02
N ASP A 150 -15.25 0.99 1.03
CA ASP A 150 -13.95 1.00 1.76
C ASP A 150 -14.16 1.02 3.27
N ILE A 151 -15.14 0.27 3.78
CA ILE A 151 -15.35 0.17 5.25
C ILE A 151 -14.15 -0.59 5.84
N LYS A 152 -13.54 0.02 6.87
CA LYS A 152 -12.35 -0.46 7.61
C LYS A 152 -12.18 0.45 8.82
N ALA A 153 -11.41 0.03 9.82
CA ALA A 153 -11.24 0.80 11.08
C ALA A 153 -10.60 2.17 10.76
N GLY A 154 -9.80 2.26 9.69
CA GLY A 154 -9.14 3.51 9.30
C GLY A 154 -10.12 4.54 8.76
N ASN A 155 -11.33 4.11 8.33
CA ASN A 155 -12.31 5.02 7.68
C ASN A 155 -13.51 5.26 8.60
N ILE A 156 -13.39 4.90 9.88
CA ILE A 156 -14.41 5.23 10.91
C ILE A 156 -13.73 6.20 11.88
N LEU A 157 -14.21 7.45 11.92
CA LEU A 157 -13.61 8.52 12.75
C LEU A 157 -14.50 8.73 13.98
N LEU A 158 -13.88 9.10 15.08
CA LEU A 158 -14.61 9.45 16.32
C LEU A 158 -14.39 10.93 16.61
N ASN A 159 -15.45 11.66 16.91
CA ASN A 159 -15.30 13.01 17.51
C ASN A 159 -15.00 12.83 18.99
N THR A 160 -14.65 13.92 19.67
CA THR A 160 -14.15 13.91 21.06
C THR A 160 -15.26 13.44 22.02
N GLU A 161 -16.52 13.51 21.61
CA GLU A 161 -17.69 13.03 22.40
C GLU A 161 -17.93 11.53 22.17
N GLY A 162 -17.17 10.88 21.29
CA GLY A 162 -17.23 9.42 21.04
C GLY A 162 -18.22 9.01 19.96
N HIS A 163 -18.70 9.94 19.13
CA HIS A 163 -19.65 9.64 18.02
C HIS A 163 -18.85 9.22 16.78
N ALA A 164 -19.12 8.03 16.27
CA ALA A 164 -18.43 7.44 15.10
C ALA A 164 -19.08 7.95 13.82
N LYS A 165 -18.25 8.34 12.86
CA LYS A 165 -18.72 8.81 11.53
C LYS A 165 -17.93 8.10 10.43
N LEU A 166 -18.63 7.73 9.37
CA LEU A 166 -18.02 7.18 8.14
C LEU A 166 -17.29 8.29 7.39
N ALA A 167 -16.08 7.98 6.95
CA ALA A 167 -15.21 8.90 6.18
C ALA A 167 -14.61 8.19 4.97
N ASP A 168 -13.90 8.94 4.14
N ASP A 168 -14.06 8.99 4.07
CA ASP A 168 -13.24 8.53 2.86
CA ASP A 168 -13.23 8.58 2.91
C ASP A 168 -14.20 7.84 1.92
C ASP A 168 -14.15 7.86 1.92
N PHE A 169 -14.94 8.65 1.18
CA PHE A 169 -15.90 8.23 0.14
C PHE A 169 -15.23 8.20 -1.23
N GLY A 170 -13.90 8.12 -1.29
CA GLY A 170 -13.14 8.23 -2.54
C GLY A 170 -13.39 7.09 -3.50
N VAL A 171 -13.96 5.95 -3.04
CA VAL A 171 -14.29 4.82 -3.96
C VAL A 171 -15.76 4.40 -3.82
N ALA A 172 -16.61 5.27 -3.27
CA ALA A 172 -18.04 4.96 -3.04
C ALA A 172 -18.75 4.83 -4.39
N GLY A 173 -19.74 3.94 -4.43
CA GLY A 173 -20.56 3.72 -5.63
C GLY A 173 -21.99 4.17 -5.40
N GLN A 174 -22.69 4.36 -6.50
CA GLN A 174 -24.10 4.87 -6.51
C GLN A 174 -24.92 3.95 -7.39
N LEU A 175 -25.94 3.32 -6.83
CA LEU A 175 -26.91 2.54 -7.62
C LEU A 175 -27.95 3.54 -8.17
N THR A 176 -28.55 3.22 -9.32
CA THR A 176 -29.57 4.05 -9.99
C THR A 176 -30.69 3.16 -10.50
N ASP A 177 -31.76 3.77 -11.01
CA ASP A 177 -32.89 3.03 -11.60
C ASP A 177 -32.38 2.12 -12.70
N TPO A 178 -31.41 2.61 -13.48
CA TPO A 178 -30.94 1.85 -14.63
CB TPO A 178 -30.65 2.77 -15.82
CG2 TPO A 178 -31.85 3.57 -16.28
OG1 TPO A 178 -29.60 3.72 -15.42
P TPO A 178 -28.85 4.59 -16.56
O1P TPO A 178 -29.42 6.00 -16.39
O2P TPO A 178 -27.35 4.50 -16.26
O3P TPO A 178 -29.22 3.96 -17.90
C TPO A 178 -29.74 0.99 -14.25
O TPO A 178 -29.42 0.05 -14.96
N MET A 179 -29.08 1.28 -13.10
CA MET A 179 -27.94 0.50 -12.66
C MET A 179 -28.13 -0.01 -11.22
N ALA A 180 -28.79 -1.16 -11.07
CA ALA A 180 -29.16 -1.77 -9.78
C ALA A 180 -27.92 -2.44 -9.14
N LYS A 181 -26.87 -2.64 -9.92
CA LYS A 181 -25.61 -3.29 -9.44
C LYS A 181 -24.40 -2.47 -9.88
N ARG A 182 -23.35 -2.43 -9.06
CA ARG A 182 -22.01 -1.98 -9.48
C ARG A 182 -21.18 -3.22 -9.85
N ASN A 183 -20.14 -3.09 -10.68
CA ASN A 183 -19.29 -4.29 -10.89
C ASN A 183 -17.80 -3.96 -10.84
N TPO A 184 -17.43 -2.73 -10.44
CA TPO A 184 -16.04 -2.36 -10.30
CB TPO A 184 -15.86 -0.85 -10.10
CG2 TPO A 184 -14.42 -0.38 -10.16
OG1 TPO A 184 -16.60 -0.14 -11.15
P TPO A 184 -17.77 0.92 -10.73
O1P TPO A 184 -18.83 0.16 -9.91
O2P TPO A 184 -18.31 1.39 -12.06
O3P TPO A 184 -17.20 2.04 -9.89
C TPO A 184 -15.43 -3.12 -9.12
O TPO A 184 -15.97 -3.12 -8.02
N VAL A 185 -14.28 -3.74 -9.41
CA VAL A 185 -13.51 -4.42 -8.39
C VAL A 185 -12.74 -3.35 -7.63
N ILE A 186 -13.30 -2.89 -6.51
CA ILE A 186 -12.71 -1.71 -5.83
C ILE A 186 -13.00 -1.79 -4.35
N GLY A 187 -12.09 -1.20 -3.57
CA GLY A 187 -12.03 -1.28 -2.11
C GLY A 187 -10.58 -1.47 -1.70
N THR A 188 -10.35 -2.03 -0.51
CA THR A 188 -9.00 -2.36 0.03
C THR A 188 -9.00 -3.87 0.21
N PRO A 189 -8.13 -4.61 -0.52
CA PRO A 189 -8.24 -6.07 -0.65
C PRO A 189 -8.70 -6.84 0.61
N PHE A 190 -8.06 -6.70 1.77
CA PHE A 190 -8.38 -7.55 2.94
C PHE A 190 -9.87 -7.40 3.33
N TRP A 191 -10.49 -6.26 3.00
CA TRP A 191 -11.85 -5.91 3.47
C TRP A 191 -12.89 -6.17 2.38
N MET A 192 -12.46 -6.56 1.18
CA MET A 192 -13.39 -6.62 0.02
C MET A 192 -14.23 -7.89 0.08
N ALA A 193 -15.53 -7.74 -0.23
CA ALA A 193 -16.51 -8.84 -0.29
C ALA A 193 -16.16 -9.75 -1.48
N PRO A 194 -16.45 -11.06 -1.36
CA PRO A 194 -16.19 -11.98 -2.46
C PRO A 194 -16.86 -11.59 -3.79
N GLU A 195 -18.12 -11.10 -3.73
CA GLU A 195 -18.86 -10.73 -4.96
C GLU A 195 -18.23 -9.47 -5.60
N VAL A 196 -17.54 -8.64 -4.83
CA VAL A 196 -16.85 -7.43 -5.37
C VAL A 196 -15.59 -7.87 -6.12
N ILE A 197 -14.88 -8.85 -5.58
CA ILE A 197 -13.65 -9.41 -6.19
C ILE A 197 -14.02 -10.18 -7.46
N GLN A 198 -15.06 -11.02 -7.40
CA GLN A 198 -15.53 -11.81 -8.57
C GLN A 198 -16.16 -10.84 -9.56
N GLU A 199 -16.23 -11.25 -10.83
CA GLU A 199 -16.68 -10.41 -11.96
C GLU A 199 -18.14 -9.97 -11.79
N ILE A 200 -18.96 -10.79 -11.15
CA ILE A 200 -20.41 -10.54 -10.95
C ILE A 200 -20.62 -9.17 -10.30
N GLY A 201 -21.72 -8.53 -10.66
CA GLY A 201 -22.18 -7.28 -10.03
C GLY A 201 -22.60 -7.49 -8.59
N TYR A 202 -22.73 -6.40 -7.85
CA TYR A 202 -22.99 -6.43 -6.40
C TYR A 202 -23.72 -5.15 -6.01
N ASN A 203 -24.13 -5.09 -4.76
CA ASN A 203 -25.02 -4.01 -4.26
C ASN A 203 -24.57 -3.64 -2.84
N CYS A 204 -25.44 -2.97 -2.08
CA CYS A 204 -25.06 -2.32 -0.80
C CYS A 204 -24.50 -3.32 0.20
N VAL A 205 -24.95 -4.57 0.19
CA VAL A 205 -24.53 -5.52 1.27
C VAL A 205 -23.06 -5.90 1.14
N ALA A 206 -22.34 -5.52 0.08
CA ALA A 206 -20.86 -5.64 0.05
C ALA A 206 -20.29 -4.94 1.28
N ASP A 207 -20.89 -3.82 1.70
CA ASP A 207 -20.40 -3.06 2.89
C ASP A 207 -20.56 -3.88 4.16
N ILE A 208 -21.58 -4.73 4.23
CA ILE A 208 -21.83 -5.59 5.42
C ILE A 208 -20.69 -6.60 5.56
N TRP A 209 -20.24 -7.21 4.47
CA TRP A 209 -19.04 -8.06 4.52
C TRP A 209 -17.86 -7.24 5.06
N SER A 210 -17.59 -6.06 4.48
CA SER A 210 -16.46 -5.21 4.93
C SER A 210 -16.60 -4.90 6.43
N LEU A 211 -17.83 -4.71 6.89
CA LEU A 211 -18.14 -4.41 8.33
C LEU A 211 -17.70 -5.60 9.19
N GLY A 212 -17.95 -6.81 8.73
CA GLY A 212 -17.55 -8.02 9.47
C GLY A 212 -16.04 -8.10 9.61
N ILE A 213 -15.32 -7.84 8.52
CA ILE A 213 -13.83 -7.81 8.54
C ILE A 213 -13.39 -6.72 9.53
N THR A 214 -14.02 -5.54 9.48
CA THR A 214 -13.74 -4.42 10.39
C THR A 214 -13.94 -4.82 11.85
N ALA A 215 -14.99 -5.59 12.17
CA ALA A 215 -15.26 -6.11 13.54
C ALA A 215 -14.05 -6.93 13.99
N ILE A 216 -13.55 -7.82 13.13
CA ILE A 216 -12.38 -8.68 13.47
C ILE A 216 -11.18 -7.76 13.65
N GLU A 217 -10.96 -6.82 12.73
CA GLU A 217 -9.83 -5.85 12.78
C GLU A 217 -9.84 -5.08 14.12
N MET A 218 -11.02 -4.69 14.62
CA MET A 218 -11.11 -3.91 15.88
C MET A 218 -10.81 -4.82 17.08
N ALA A 219 -11.16 -6.10 16.98
CA ALA A 219 -10.99 -7.09 18.07
C ALA A 219 -9.54 -7.58 18.10
N GLU A 220 -8.89 -7.73 16.94
CA GLU A 220 -7.57 -8.41 16.81
C GLU A 220 -6.48 -7.41 16.41
N GLY A 221 -6.82 -6.21 15.95
CA GLY A 221 -5.84 -5.18 15.57
C GLY A 221 -5.55 -5.18 14.08
N LYS A 222 -5.87 -6.25 13.37
CA LYS A 222 -5.60 -6.37 11.93
C LYS A 222 -6.63 -7.33 11.35
N PRO A 223 -6.98 -7.22 10.06
CA PRO A 223 -7.96 -8.12 9.46
C PRO A 223 -7.36 -9.49 9.23
N PRO A 224 -8.19 -10.51 8.96
CA PRO A 224 -7.69 -11.80 8.50
C PRO A 224 -6.81 -11.62 7.27
N TYR A 225 -5.72 -12.40 7.17
CA TYR A 225 -4.75 -12.38 6.04
C TYR A 225 -3.88 -11.12 6.01
N ALA A 226 -3.85 -10.32 7.08
CA ALA A 226 -3.09 -9.07 7.16
C ALA A 226 -1.59 -9.31 6.86
N ASP A 227 -1.08 -10.51 7.09
CA ASP A 227 0.38 -10.80 6.94
C ASP A 227 0.66 -11.43 5.58
N ILE A 228 -0.33 -11.60 4.71
CA ILE A 228 -0.02 -12.13 3.36
C ILE A 228 -0.18 -11.02 2.32
N HIS A 229 0.44 -11.23 1.17
CA HIS A 229 0.48 -10.23 0.07
C HIS A 229 -0.97 -9.90 -0.32
N PRO A 230 -1.35 -8.60 -0.39
CA PRO A 230 -2.75 -8.25 -0.67
C PRO A 230 -3.27 -8.86 -1.98
N MET A 231 -2.44 -8.93 -3.01
CA MET A 231 -2.86 -9.51 -4.31
C MET A 231 -2.98 -11.04 -4.20
N ARG A 232 -2.28 -11.70 -3.30
CA ARG A 232 -2.57 -13.12 -2.99
C ARG A 232 -3.89 -13.25 -2.23
N ALA A 233 -4.14 -12.38 -1.26
CA ALA A 233 -5.33 -12.47 -0.39
C ALA A 233 -6.57 -12.29 -1.26
N ILE A 234 -6.54 -11.35 -2.20
CA ILE A 234 -7.72 -11.07 -3.05
C ILE A 234 -8.08 -12.32 -3.88
N PHE A 235 -7.08 -13.12 -4.24
CA PHE A 235 -7.27 -14.38 -5.02
C PHE A 235 -7.98 -15.41 -4.13
N MET A 236 -7.74 -15.42 -2.83
CA MET A 236 -8.26 -16.50 -1.93
C MET A 236 -9.64 -16.16 -1.33
N ILE A 237 -9.96 -14.88 -1.14
CA ILE A 237 -11.20 -14.44 -0.44
C ILE A 237 -12.43 -15.07 -1.12
N PRO A 238 -12.55 -15.11 -2.46
CA PRO A 238 -13.76 -15.69 -3.07
C PRO A 238 -13.90 -17.20 -2.83
N THR A 239 -12.79 -17.93 -2.66
CA THR A 239 -12.80 -19.41 -2.53
C THR A 239 -12.76 -19.85 -1.07
N ASN A 240 -12.13 -19.08 -0.19
CA ASN A 240 -11.99 -19.49 1.23
C ASN A 240 -13.34 -19.47 1.94
N PRO A 241 -13.52 -20.31 2.98
CA PRO A 241 -14.68 -20.18 3.85
C PRO A 241 -14.63 -18.79 4.49
N PRO A 242 -15.76 -18.26 5.00
CA PRO A 242 -15.72 -17.00 5.74
C PRO A 242 -14.69 -17.06 6.86
N PRO A 243 -13.93 -15.98 7.09
CA PRO A 243 -13.02 -15.96 8.23
C PRO A 243 -13.74 -15.93 9.58
N THR A 244 -13.00 -16.32 10.59
CA THR A 244 -13.44 -16.39 12.01
C THR A 244 -12.35 -15.73 12.85
N PHE A 245 -12.62 -15.56 14.14
CA PHE A 245 -11.65 -15.02 15.10
C PHE A 245 -10.43 -15.96 15.14
N ARG A 246 -9.25 -15.40 15.37
CA ARG A 246 -7.97 -16.14 15.53
C ARG A 246 -8.04 -16.98 16.82
N LYS A 247 -8.62 -16.40 17.88
CA LYS A 247 -8.75 -17.00 19.24
C LYS A 247 -10.22 -17.01 19.64
N PRO A 248 -11.01 -17.97 19.10
CA PRO A 248 -12.47 -17.96 19.26
C PRO A 248 -12.94 -17.96 20.73
N GLU A 249 -12.12 -18.53 21.62
CA GLU A 249 -12.46 -18.68 23.06
C GLU A 249 -12.51 -17.30 23.74
N LEU A 250 -11.93 -16.24 23.18
CA LEU A 250 -11.94 -14.90 23.83
C LEU A 250 -13.32 -14.20 23.69
N TRP A 251 -14.20 -14.66 22.81
CA TRP A 251 -15.31 -13.81 22.29
C TRP A 251 -16.67 -14.43 22.63
N SER A 252 -17.65 -13.60 22.96
CA SER A 252 -19.02 -14.02 23.35
C SER A 252 -19.69 -14.73 22.18
N ASP A 253 -20.72 -15.54 22.45
CA ASP A 253 -21.57 -16.12 21.39
C ASP A 253 -22.18 -14.99 20.55
N ASN A 254 -22.63 -13.90 21.16
CA ASN A 254 -23.26 -12.78 20.42
C ASN A 254 -22.26 -12.17 19.44
N PHE A 255 -21.03 -11.91 19.85
CA PHE A 255 -20.01 -11.27 18.97
C PHE A 255 -19.67 -12.25 17.85
N THR A 256 -19.46 -13.52 18.19
CA THR A 256 -19.13 -14.59 17.22
C THR A 256 -20.24 -14.67 16.17
N ASP A 257 -21.51 -14.68 16.61
CA ASP A 257 -22.65 -14.79 15.67
C ASP A 257 -22.74 -13.52 14.82
N PHE A 258 -22.48 -12.35 15.39
CA PHE A 258 -22.57 -11.06 14.65
C PHE A 258 -21.60 -11.12 13.47
N VAL A 259 -20.35 -11.51 13.72
CA VAL A 259 -19.31 -11.63 12.66
C VAL A 259 -19.75 -12.69 11.64
N LYS A 260 -20.23 -13.85 12.08
CA LYS A 260 -20.71 -14.89 11.14
C LYS A 260 -21.79 -14.33 10.21
N GLN A 261 -22.75 -13.57 10.74
CA GLN A 261 -23.86 -13.00 9.93
C GLN A 261 -23.30 -11.97 8.93
N CYS A 262 -22.34 -11.14 9.32
CA CYS A 262 -21.72 -10.17 8.39
C CYS A 262 -21.00 -10.90 7.25
N LEU A 263 -20.34 -12.01 7.57
CA LEU A 263 -19.43 -12.71 6.62
C LEU A 263 -20.16 -13.91 6.01
N VAL A 264 -21.41 -13.75 5.66
CA VAL A 264 -22.16 -14.74 4.85
C VAL A 264 -21.71 -14.51 3.41
N LYS A 265 -21.23 -15.56 2.73
CA LYS A 265 -20.61 -15.41 1.39
C LYS A 265 -21.69 -15.07 0.36
N SER A 266 -22.88 -15.67 0.46
CA SER A 266 -24.01 -15.35 -0.46
C SER A 266 -24.47 -13.91 -0.23
N PRO A 267 -24.27 -12.95 -1.16
CA PRO A 267 -24.77 -11.59 -0.92
C PRO A 267 -26.30 -11.56 -0.87
N GLU A 268 -26.98 -12.45 -1.58
CA GLU A 268 -28.46 -12.46 -1.59
C GLU A 268 -28.96 -12.81 -0.18
N GLN A 269 -28.23 -13.66 0.54
CA GLN A 269 -28.67 -14.16 1.86
C GLN A 269 -28.18 -13.22 2.96
N ARG A 270 -27.15 -12.42 2.70
CA ARG A 270 -26.46 -11.62 3.74
C ARG A 270 -27.44 -10.61 4.36
N ALA A 271 -27.35 -10.48 5.68
CA ALA A 271 -28.10 -9.51 6.49
C ALA A 271 -27.87 -8.07 6.00
N THR A 272 -28.90 -7.24 6.14
CA THR A 272 -28.85 -5.78 5.85
C THR A 272 -28.41 -5.04 7.11
N ALA A 273 -27.99 -3.78 6.95
CA ALA A 273 -27.68 -2.85 8.06
C ALA A 273 -28.88 -2.77 9.01
N THR A 274 -30.10 -2.59 8.51
CA THR A 274 -31.32 -2.51 9.34
C THR A 274 -31.43 -3.76 10.21
N GLN A 275 -31.26 -4.94 9.63
CA GLN A 275 -31.43 -6.22 10.36
C GLN A 275 -30.30 -6.37 11.39
N LEU A 276 -29.07 -5.96 11.06
CA LEU A 276 -27.95 -6.13 12.02
C LEU A 276 -28.06 -5.13 13.18
N LEU A 277 -28.74 -3.99 13.00
CA LEU A 277 -29.02 -3.07 14.15
C LEU A 277 -29.87 -3.78 15.20
N GLN A 278 -30.59 -4.86 14.84
CA GLN A 278 -31.39 -5.66 15.79
C GLN A 278 -30.61 -6.87 16.30
N HIS A 279 -29.40 -7.13 15.80
CA HIS A 279 -28.59 -8.28 16.29
C HIS A 279 -28.30 -8.05 17.78
N PRO A 280 -28.43 -9.07 18.65
CA PRO A 280 -28.18 -8.89 20.07
C PRO A 280 -26.82 -8.27 20.41
N PHE A 281 -25.80 -8.47 19.58
CA PHE A 281 -24.46 -7.86 19.83
C PHE A 281 -24.56 -6.33 19.75
N VAL A 282 -25.36 -5.80 18.84
CA VAL A 282 -25.45 -4.35 18.53
C VAL A 282 -26.60 -3.73 19.34
N ARG A 283 -27.73 -4.43 19.44
CA ARG A 283 -29.02 -3.86 19.90
C ARG A 283 -28.89 -3.30 21.32
N SER A 284 -28.10 -3.94 22.18
CA SER A 284 -27.89 -3.53 23.59
C SER A 284 -26.50 -2.88 23.79
N ALA A 285 -25.90 -2.31 22.75
CA ALA A 285 -24.65 -1.53 22.89
C ALA A 285 -24.87 -0.44 23.95
N LYS A 286 -23.83 -0.16 24.73
CA LYS A 286 -23.80 0.96 25.71
C LYS A 286 -23.74 2.28 24.94
N GLY A 287 -24.09 3.38 25.63
CA GLY A 287 -23.96 4.73 25.06
C GLY A 287 -22.49 5.10 24.82
N VAL A 288 -22.25 6.22 24.15
CA VAL A 288 -20.88 6.68 23.77
C VAL A 288 -20.00 6.92 25.02
N SER A 289 -20.57 7.01 26.22
CA SER A 289 -19.78 7.15 27.48
C SER A 289 -18.76 6.01 27.59
N ILE A 290 -19.07 4.80 27.13
CA ILE A 290 -18.14 3.62 27.23
C ILE A 290 -16.84 3.94 26.48
N LEU A 291 -16.85 4.92 25.56
CA LEU A 291 -15.69 5.28 24.73
C LEU A 291 -14.91 6.46 25.35
N ARG A 292 -15.27 6.92 26.57
CA ARG A 292 -14.71 8.17 27.14
C ARG A 292 -13.26 7.90 27.55
N ASP A 293 -13.06 6.83 28.32
CA ASP A 293 -11.71 6.38 28.76
C ASP A 293 -10.82 6.27 27.53
N LEU A 294 -11.30 5.51 26.56
CA LEU A 294 -10.64 5.19 25.27
C LEU A 294 -10.15 6.47 24.62
N ILE A 295 -11.07 7.41 24.47
CA ILE A 295 -10.77 8.68 23.74
C ILE A 295 -9.76 9.49 24.55
N ASN A 296 -10.01 9.66 25.85
CA ASN A 296 -9.11 10.41 26.77
C ASN A 296 -7.68 9.87 26.62
N GLU A 297 -7.50 8.55 26.76
CA GLU A 297 -6.18 7.88 26.68
C GLU A 297 -5.52 8.21 25.33
N ALA A 298 -6.26 8.07 24.22
CA ALA A 298 -5.76 8.31 22.84
C ALA A 298 -5.27 9.77 22.67
N MET A 299 -6.01 10.75 23.19
CA MET A 299 -5.64 12.20 23.17
C MET A 299 -5.01 12.61 24.52
N LEU B 15 33.61 -12.13 0.15
CA LEU B 15 33.39 -11.93 -1.30
C LEU B 15 32.40 -12.99 -1.81
N LYS B 16 32.78 -14.27 -1.76
CA LYS B 16 32.02 -15.38 -2.37
C LYS B 16 31.05 -16.00 -1.35
N LYS B 17 29.94 -16.54 -1.85
CA LYS B 17 28.94 -17.30 -1.06
C LYS B 17 29.68 -18.20 -0.06
N LEU B 18 29.14 -18.32 1.16
CA LEU B 18 29.77 -19.03 2.30
C LEU B 18 29.94 -20.52 1.93
N ASP B 19 31.12 -21.07 2.18
CA ASP B 19 31.41 -22.53 1.96
C ASP B 19 30.90 -23.33 3.17
N GLU B 20 30.81 -24.66 3.04
CA GLU B 20 30.20 -25.54 4.08
C GLU B 20 30.97 -25.34 5.38
N ASP B 21 32.30 -25.17 5.34
CA ASP B 21 33.13 -24.93 6.55
C ASP B 21 32.56 -23.74 7.33
N SER B 22 32.10 -22.71 6.63
CA SER B 22 31.52 -21.48 7.22
C SER B 22 30.07 -21.75 7.61
N LEU B 23 29.29 -22.44 6.77
CA LEU B 23 27.83 -22.57 7.00
C LEU B 23 27.55 -23.48 8.21
N THR B 24 28.50 -24.35 8.59
CA THR B 24 28.31 -25.35 9.69
C THR B 24 28.82 -24.82 11.03
N LYS B 25 29.44 -23.63 11.06
CA LYS B 25 29.80 -22.91 12.30
C LYS B 25 28.58 -22.15 12.84
N GLN B 26 28.66 -21.68 14.09
CA GLN B 26 27.74 -20.66 14.67
C GLN B 26 28.00 -19.35 13.93
N PRO B 27 26.94 -18.58 13.60
CA PRO B 27 27.12 -17.35 12.83
C PRO B 27 28.14 -16.38 13.47
N GLU B 28 28.16 -16.31 14.81
CA GLU B 28 29.01 -15.33 15.55
C GLU B 28 30.49 -15.74 15.50
N GLU B 29 30.82 -16.97 15.09
CA GLU B 29 32.23 -17.39 14.82
C GLU B 29 32.72 -16.81 13.49
N VAL B 30 31.80 -16.45 12.59
CA VAL B 30 32.14 -15.96 11.21
C VAL B 30 31.94 -14.42 11.18
N PHE B 31 30.92 -13.90 11.85
CA PHE B 31 30.46 -12.50 11.77
C PHE B 31 30.45 -11.86 13.17
N ASP B 32 30.87 -10.59 13.30
CA ASP B 32 30.55 -9.70 14.42
C ASP B 32 29.36 -8.82 14.03
N VAL B 33 28.21 -8.98 14.69
CA VAL B 33 26.97 -8.20 14.41
C VAL B 33 27.16 -6.77 14.95
N LEU B 34 26.92 -5.74 14.14
CA LEU B 34 26.97 -4.32 14.54
C LEU B 34 25.53 -3.79 14.69
N GLU B 35 25.27 -2.54 14.30
CA GLU B 35 23.99 -1.82 14.58
C GLU B 35 22.85 -2.35 13.69
N LYS B 36 21.60 -2.22 14.17
CA LYS B 36 20.36 -2.48 13.37
C LYS B 36 20.31 -1.46 12.23
N LEU B 37 19.91 -1.90 11.01
CA LEU B 37 19.75 -1.05 9.79
C LEU B 37 18.28 -0.85 9.41
N GLY B 38 17.37 -1.74 9.84
CA GLY B 38 15.95 -1.71 9.45
C GLY B 38 15.14 -2.70 10.27
N GLU B 39 13.85 -2.87 9.93
CA GLU B 39 12.93 -3.81 10.64
C GLU B 39 11.72 -4.12 9.77
N GLY B 43 11.08 -9.83 9.54
CA GLY B 43 11.81 -9.28 10.71
C GLY B 43 12.93 -8.31 10.31
N SER B 44 13.88 -8.11 11.22
CA SER B 44 14.88 -7.01 11.25
C SER B 44 16.23 -7.34 10.58
N VAL B 45 16.95 -6.29 10.21
CA VAL B 45 18.22 -6.31 9.42
C VAL B 45 19.31 -5.62 10.26
N TYR B 46 20.50 -6.23 10.36
CA TYR B 46 21.68 -5.69 11.07
C TYR B 46 22.87 -5.59 10.12
N LYS B 47 23.70 -4.58 10.33
CA LYS B 47 25.04 -4.50 9.73
C LYS B 47 25.92 -5.52 10.47
N ALA B 48 26.83 -6.19 9.79
CA ALA B 48 27.78 -7.10 10.43
C ALA B 48 29.09 -7.08 9.64
N ILE B 49 30.17 -7.49 10.29
CA ILE B 49 31.48 -7.61 9.62
C ILE B 49 31.86 -9.09 9.59
N HIS B 50 32.18 -9.58 8.41
CA HIS B 50 32.80 -10.90 8.17
C HIS B 50 34.22 -10.82 8.73
N LYS B 51 34.51 -11.54 9.81
CA LYS B 51 35.75 -11.37 10.62
C LYS B 51 37.01 -11.60 9.79
N GLU B 52 37.00 -12.57 8.86
CA GLU B 52 38.23 -13.04 8.18
C GLU B 52 38.63 -12.11 7.02
N THR B 53 37.67 -11.40 6.42
CA THR B 53 37.94 -10.53 5.25
C THR B 53 37.68 -9.06 5.57
N GLY B 54 37.02 -8.75 6.69
CA GLY B 54 36.57 -7.39 7.03
C GLY B 54 35.42 -6.91 6.18
N GLN B 55 34.86 -7.76 5.31
CA GLN B 55 33.74 -7.37 4.42
C GLN B 55 32.48 -7.13 5.25
N ILE B 56 31.81 -6.02 4.96
CA ILE B 56 30.55 -5.61 5.62
C ILE B 56 29.43 -6.32 4.89
N VAL B 57 28.48 -6.86 5.64
CA VAL B 57 27.28 -7.57 5.12
C VAL B 57 26.06 -7.03 5.87
N ALA B 58 24.87 -7.35 5.37
CA ALA B 58 23.58 -7.19 6.06
C ALA B 58 23.08 -8.58 6.46
N ILE B 59 22.61 -8.72 7.68
CA ILE B 59 22.03 -9.99 8.20
C ILE B 59 20.58 -9.73 8.54
N LYS B 60 19.67 -10.35 7.79
CA LYS B 60 18.21 -10.27 8.05
C LYS B 60 17.89 -11.40 9.00
N GLN B 61 17.31 -11.11 10.15
CA GLN B 61 16.98 -12.13 11.16
C GLN B 61 15.46 -12.33 11.15
N VAL B 62 15.00 -13.55 10.90
CA VAL B 62 13.55 -13.84 10.81
C VAL B 62 13.25 -15.02 11.72
N PRO B 63 12.15 -14.91 12.50
CA PRO B 63 11.73 -16.00 13.37
C PRO B 63 11.39 -17.21 12.50
N VAL B 64 11.84 -18.39 12.93
CA VAL B 64 11.59 -19.66 12.19
C VAL B 64 10.09 -19.95 12.19
N GLU B 65 9.34 -19.43 13.18
CA GLU B 65 7.91 -19.71 13.41
C GLU B 65 7.00 -19.09 12.32
N SER B 66 7.47 -18.19 11.45
CA SER B 66 6.58 -17.32 10.64
C SER B 66 7.07 -17.15 9.20
N ASP B 67 6.22 -17.50 8.22
CA ASP B 67 6.29 -17.22 6.75
C ASP B 67 7.54 -17.90 6.15
N LEU B 68 7.90 -19.07 6.67
CA LEU B 68 9.21 -19.69 6.33
C LEU B 68 9.16 -20.24 4.89
N GLN B 69 8.02 -20.77 4.46
CA GLN B 69 7.78 -21.18 3.05
C GLN B 69 8.18 -20.05 2.08
N GLU B 70 7.69 -18.82 2.28
CA GLU B 70 8.00 -17.68 1.36
C GLU B 70 9.46 -17.26 1.50
N ILE B 71 10.00 -17.25 2.73
CA ILE B 71 11.41 -16.88 2.99
C ILE B 71 12.31 -17.85 2.21
N ILE B 72 12.04 -19.14 2.31
CA ILE B 72 12.91 -20.17 1.67
C ILE B 72 12.79 -20.06 0.15
N LYS B 73 11.58 -19.83 -0.39
CA LYS B 73 11.37 -19.59 -1.84
C LYS B 73 12.22 -18.40 -2.31
N GLU B 74 12.19 -17.29 -1.58
CA GLU B 74 12.95 -16.08 -1.97
C GLU B 74 14.46 -16.37 -1.91
N ILE B 75 14.90 -17.13 -0.91
CA ILE B 75 16.32 -17.57 -0.82
C ILE B 75 16.68 -18.40 -2.08
N SER B 76 15.86 -19.36 -2.48
CA SER B 76 16.12 -20.23 -3.65
C SER B 76 16.35 -19.35 -4.87
N ILE B 77 15.53 -18.30 -5.06
CA ILE B 77 15.63 -17.41 -6.25
C ILE B 77 16.93 -16.59 -6.17
N MET B 78 17.22 -15.96 -5.05
CA MET B 78 18.44 -15.14 -4.87
C MET B 78 19.70 -15.99 -5.07
N GLN B 79 19.72 -17.21 -4.56
CA GLN B 79 20.94 -18.06 -4.62
C GLN B 79 21.19 -18.46 -6.10
N GLN B 80 20.16 -18.41 -6.96
CA GLN B 80 20.27 -18.74 -8.40
C GLN B 80 20.85 -17.56 -9.18
N CYS B 81 20.96 -16.38 -8.57
CA CYS B 81 21.46 -15.14 -9.23
C CYS B 81 22.91 -14.90 -8.85
N ASP B 82 23.74 -14.61 -9.84
CA ASP B 82 25.13 -14.16 -9.66
C ASP B 82 25.39 -13.00 -10.63
N SER B 83 25.11 -11.79 -10.18
CA SER B 83 25.26 -10.58 -11.02
C SER B 83 25.71 -9.44 -10.13
N PRO B 84 26.63 -8.58 -10.59
CA PRO B 84 26.95 -7.36 -9.86
C PRO B 84 25.76 -6.38 -9.74
N HIS B 85 24.67 -6.62 -10.47
CA HIS B 85 23.49 -5.73 -10.52
C HIS B 85 22.34 -6.33 -9.72
N VAL B 86 22.57 -7.46 -9.03
CA VAL B 86 21.56 -8.11 -8.15
C VAL B 86 22.18 -8.34 -6.77
N VAL B 87 21.51 -7.89 -5.71
CA VAL B 87 21.97 -8.06 -4.31
C VAL B 87 22.32 -9.53 -4.10
N LYS B 88 23.55 -9.81 -3.67
CA LYS B 88 24.06 -11.19 -3.46
C LYS B 88 23.53 -11.76 -2.15
N TYR B 89 23.24 -13.06 -2.18
CA TYR B 89 22.91 -13.90 -1.01
C TYR B 89 24.14 -14.73 -0.68
N TYR B 90 24.60 -14.70 0.56
CA TYR B 90 25.88 -15.36 0.97
C TYR B 90 25.57 -16.68 1.65
N GLY B 91 24.41 -16.78 2.30
CA GLY B 91 23.98 -17.98 3.02
C GLY B 91 23.17 -17.64 4.24
N SER B 92 22.80 -18.67 4.98
CA SER B 92 21.85 -18.60 6.12
C SER B 92 22.40 -19.46 7.26
N TYR B 93 22.07 -19.06 8.48
CA TYR B 93 22.34 -19.81 9.73
C TYR B 93 21.05 -19.92 10.51
N PHE B 94 20.92 -21.01 11.26
CA PHE B 94 20.01 -21.12 12.42
C PHE B 94 20.74 -20.57 13.63
N LYS B 95 20.05 -19.71 14.38
CA LYS B 95 20.57 -19.14 15.63
C LYS B 95 19.41 -19.05 16.61
N ASN B 96 19.43 -19.90 17.63
CA ASN B 96 18.30 -20.08 18.59
C ASN B 96 17.05 -20.42 17.79
N THR B 97 16.05 -19.53 17.77
CA THR B 97 14.74 -19.75 17.12
C THR B 97 14.63 -18.85 15.87
N ASP B 98 15.76 -18.35 15.37
CA ASP B 98 15.79 -17.43 14.20
C ASP B 98 16.56 -18.08 13.05
N LEU B 99 16.20 -17.65 11.83
CA LEU B 99 17.02 -17.81 10.60
C LEU B 99 17.73 -16.48 10.33
N TRP B 100 19.05 -16.52 10.23
CA TRP B 100 19.91 -15.37 9.84
C TRP B 100 20.24 -15.47 8.35
N ILE B 101 19.83 -14.48 7.57
CA ILE B 101 19.98 -14.43 6.09
C ILE B 101 21.04 -13.39 5.80
N VAL B 102 22.19 -13.84 5.32
CA VAL B 102 23.39 -12.98 5.10
C VAL B 102 23.42 -12.54 3.65
N MET B 103 23.46 -11.23 3.47
CA MET B 103 23.43 -10.65 2.12
C MET B 103 24.38 -9.48 1.97
N GLU B 104 24.61 -9.13 0.72
CA GLU B 104 25.42 -7.99 0.29
C GLU B 104 24.89 -6.74 0.98
N TYR B 105 25.79 -5.95 1.54
CA TYR B 105 25.47 -4.68 2.25
C TYR B 105 25.41 -3.54 1.22
N CYS B 106 24.27 -2.84 1.16
CA CYS B 106 24.04 -1.68 0.27
C CYS B 106 23.81 -0.45 1.16
N GLY B 107 24.90 0.23 1.53
CA GLY B 107 24.92 1.17 2.66
C GLY B 107 24.11 2.43 2.43
N ALA B 108 23.87 2.81 1.16
CA ALA B 108 23.11 4.05 0.84
C ALA B 108 21.60 3.77 0.91
N GLY B 109 21.18 2.51 1.12
CA GLY B 109 19.76 2.12 1.18
C GLY B 109 19.10 2.16 -0.20
N SER B 110 17.77 2.31 -0.23
CA SER B 110 16.97 2.26 -1.47
C SER B 110 16.97 3.63 -2.13
N VAL B 111 16.71 3.66 -3.43
CA VAL B 111 16.49 4.93 -4.17
C VAL B 111 15.32 5.69 -3.53
N SER B 112 14.23 5.02 -3.12
CA SER B 112 13.09 5.72 -2.47
C SER B 112 13.55 6.30 -1.12
N ASP B 113 14.42 5.60 -0.36
CA ASP B 113 15.03 6.14 0.89
C ASP B 113 15.78 7.43 0.58
N ILE B 114 16.63 7.40 -0.43
CA ILE B 114 17.50 8.54 -0.83
C ILE B 114 16.62 9.75 -1.22
N ILE B 115 15.52 9.54 -1.95
CA ILE B 115 14.59 10.63 -2.33
C ILE B 115 13.98 11.22 -1.05
N ARG B 116 13.44 10.38 -0.19
CA ARG B 116 12.79 10.78 1.10
C ARG B 116 13.80 11.53 1.98
N LEU B 117 15.01 10.99 2.19
CA LEU B 117 16.01 11.54 3.16
C LEU B 117 16.46 12.93 2.69
N ARG B 118 16.79 13.12 1.42
CA ARG B 118 17.25 14.43 0.88
C ARG B 118 16.05 15.34 0.61
N ASN B 119 14.83 14.82 0.73
CA ASN B 119 13.58 15.52 0.35
C ASN B 119 13.75 16.15 -1.04
N LYS B 120 14.27 15.38 -2.00
CA LYS B 120 14.62 15.84 -3.37
C LYS B 120 14.48 14.68 -4.36
N THR B 121 13.83 14.94 -5.48
CA THR B 121 13.75 13.99 -6.63
C THR B 121 15.15 13.91 -7.27
N LEU B 122 15.38 12.91 -8.11
CA LEU B 122 16.68 12.72 -8.79
C LEU B 122 16.68 13.52 -10.09
N THR B 123 17.85 14.08 -10.44
CA THR B 123 18.11 14.73 -11.74
C THR B 123 18.07 13.66 -12.84
N GLU B 124 17.92 14.08 -14.09
CA GLU B 124 17.96 13.18 -15.27
C GLU B 124 19.28 12.39 -15.29
N ASP B 125 20.41 13.05 -15.05
CA ASP B 125 21.72 12.35 -15.07
C ASP B 125 21.76 11.27 -13.99
N GLU B 126 21.31 11.58 -12.79
CA GLU B 126 21.28 10.61 -11.67
C GLU B 126 20.37 9.43 -12.05
N ILE B 127 19.21 9.71 -12.63
CA ILE B 127 18.23 8.65 -13.04
C ILE B 127 18.85 7.77 -14.13
N ALA B 128 19.46 8.36 -15.15
CA ALA B 128 20.09 7.62 -16.27
C ALA B 128 21.13 6.64 -15.72
N THR B 129 21.97 7.07 -14.78
CA THR B 129 23.06 6.25 -14.21
C THR B 129 22.43 5.08 -13.43
N ILE B 130 21.44 5.36 -12.58
CA ILE B 130 20.80 4.28 -11.76
C ILE B 130 20.08 3.31 -12.70
N LEU B 131 19.36 3.81 -13.69
CA LEU B 131 18.54 2.94 -14.55
C LEU B 131 19.43 2.16 -15.52
N GLN B 132 20.62 2.65 -15.86
CA GLN B 132 21.56 1.83 -16.67
C GLN B 132 21.93 0.55 -15.90
N SER B 133 22.29 0.67 -14.63
N SER B 133 22.29 0.69 -14.61
CA SER B 133 22.66 -0.49 -13.77
CA SER B 133 22.66 -0.44 -13.73
C SER B 133 21.41 -1.36 -13.52
C SER B 133 21.44 -1.34 -13.49
N THR B 134 20.26 -0.75 -13.28
CA THR B 134 18.97 -1.46 -13.11
C THR B 134 18.72 -2.33 -14.36
N LEU B 135 18.86 -1.74 -15.55
CA LEU B 135 18.61 -2.43 -16.84
C LEU B 135 19.61 -3.58 -17.02
N LYS B 136 20.88 -3.41 -16.62
CA LYS B 136 21.84 -4.55 -16.68
C LYS B 136 21.35 -5.69 -15.78
N GLY B 137 20.83 -5.36 -14.61
CA GLY B 137 20.22 -6.35 -13.71
C GLY B 137 19.01 -7.01 -14.35
N LEU B 138 18.14 -6.24 -15.00
CA LEU B 138 16.95 -6.83 -15.69
C LEU B 138 17.40 -7.68 -16.88
N GLU B 139 18.41 -7.25 -17.63
CA GLU B 139 18.90 -8.04 -18.80
C GLU B 139 19.35 -9.41 -18.28
N TYR B 140 20.06 -9.41 -17.17
CA TYR B 140 20.60 -10.66 -16.54
C TYR B 140 19.41 -11.53 -16.09
N LEU B 141 18.49 -10.99 -15.31
CA LEU B 141 17.33 -11.78 -14.81
C LEU B 141 16.53 -12.37 -15.98
N HIS B 142 16.28 -11.56 -17.01
CA HIS B 142 15.44 -11.96 -18.16
C HIS B 142 16.15 -13.07 -18.94
N PHE B 143 17.47 -13.00 -19.07
CA PHE B 143 18.27 -14.10 -19.69
C PHE B 143 18.05 -15.39 -18.89
N MET B 144 17.98 -15.28 -17.57
CA MET B 144 17.79 -16.42 -16.63
C MET B 144 16.30 -16.76 -16.49
N ARG B 145 15.44 -16.15 -17.31
CA ARG B 145 13.98 -16.46 -17.40
C ARG B 145 13.27 -16.11 -16.09
N LYS B 146 13.83 -15.18 -15.34
CA LYS B 146 13.20 -14.65 -14.11
C LYS B 146 12.47 -13.34 -14.41
N ILE B 147 11.32 -13.14 -13.76
CA ILE B 147 10.55 -11.87 -13.76
C ILE B 147 10.57 -11.38 -12.31
N HIS B 148 11.14 -10.21 -12.06
CA HIS B 148 11.22 -9.63 -10.70
C HIS B 148 9.79 -9.40 -10.17
N ARG B 149 8.96 -8.74 -10.98
CA ARG B 149 7.52 -8.44 -10.75
C ARG B 149 7.28 -7.38 -9.66
N ASP B 150 8.33 -6.84 -9.02
CA ASP B 150 8.17 -5.75 -8.02
C ASP B 150 9.23 -4.69 -8.19
N ILE B 151 9.55 -4.32 -9.44
CA ILE B 151 10.48 -3.22 -9.73
C ILE B 151 9.81 -1.92 -9.30
N LYS B 152 10.51 -1.15 -8.47
CA LYS B 152 10.09 0.14 -7.89
C LYS B 152 11.34 0.75 -7.24
N ALA B 153 11.33 2.06 -6.96
CA ALA B 153 12.48 2.75 -6.37
C ALA B 153 12.86 2.13 -5.02
N GLY B 154 11.88 1.57 -4.30
CA GLY B 154 12.09 0.96 -2.97
C GLY B 154 12.88 -0.35 -3.08
N ASN B 155 12.95 -0.98 -4.24
CA ASN B 155 13.60 -2.31 -4.42
C ASN B 155 14.89 -2.17 -5.25
N ILE B 156 15.38 -0.95 -5.42
CA ILE B 156 16.70 -0.69 -6.05
C ILE B 156 17.58 -0.10 -4.96
N LEU B 157 18.61 -0.84 -4.56
CA LEU B 157 19.52 -0.46 -3.46
C LEU B 157 20.82 0.06 -4.06
N LEU B 158 21.44 1.04 -3.40
CA LEU B 158 22.77 1.54 -3.79
C LEU B 158 23.77 1.16 -2.70
N ASN B 159 24.92 0.64 -3.10
CA ASN B 159 26.04 0.50 -2.14
C ASN B 159 26.74 1.87 -2.04
N THR B 160 27.69 1.98 -1.12
CA THR B 160 28.32 3.28 -0.74
C THR B 160 29.14 3.82 -1.92
N GLU B 161 29.52 2.96 -2.88
CA GLU B 161 30.27 3.35 -4.11
C GLU B 161 29.31 3.81 -5.21
N GLY B 162 27.98 3.73 -5.00
CA GLY B 162 26.98 4.23 -5.95
C GLY B 162 26.49 3.19 -6.97
N HIS B 163 26.78 1.91 -6.76
CA HIS B 163 26.34 0.81 -7.67
C HIS B 163 24.93 0.34 -7.27
N ALA B 164 24.00 0.40 -8.20
CA ALA B 164 22.57 0.07 -7.99
C ALA B 164 22.37 -1.43 -8.16
N LYS B 165 21.61 -2.04 -7.25
CA LYS B 165 21.35 -3.51 -7.29
C LYS B 165 19.86 -3.75 -7.09
N LEU B 166 19.32 -4.70 -7.84
CA LEU B 166 17.91 -5.18 -7.66
C LEU B 166 17.84 -6.00 -6.37
N ALA B 167 16.80 -5.75 -5.59
CA ALA B 167 16.55 -6.44 -4.30
C ALA B 167 15.09 -6.88 -4.25
N ASP B 168 14.79 -7.73 -3.26
CA ASP B 168 13.44 -8.20 -2.90
C ASP B 168 12.85 -9.03 -4.04
N PHE B 169 13.13 -10.33 -3.99
CA PHE B 169 12.60 -11.37 -4.90
C PHE B 169 11.37 -12.04 -4.27
N GLY B 170 10.66 -11.33 -3.38
CA GLY B 170 9.52 -11.90 -2.62
C GLY B 170 8.35 -12.27 -3.51
N VAL B 171 8.22 -11.70 -4.71
CA VAL B 171 7.11 -12.08 -5.62
C VAL B 171 7.65 -12.46 -7.01
N ALA B 172 8.93 -12.81 -7.14
CA ALA B 172 9.57 -13.07 -8.45
C ALA B 172 9.01 -14.35 -9.05
N GLY B 173 8.91 -14.38 -10.37
CA GLY B 173 8.43 -15.55 -11.13
C GLY B 173 9.55 -16.16 -11.97
N GLN B 174 9.37 -17.42 -12.38
CA GLN B 174 10.39 -18.19 -13.14
C GLN B 174 9.71 -18.82 -14.33
N LEU B 175 10.16 -18.49 -15.54
CA LEU B 175 9.69 -19.18 -16.76
C LEU B 175 10.51 -20.45 -16.93
N THR B 176 9.91 -21.48 -17.54
CA THR B 176 10.55 -22.78 -17.81
C THR B 176 10.20 -23.22 -19.22
N ASP B 177 10.78 -24.34 -19.66
CA ASP B 177 10.46 -24.97 -20.97
C ASP B 177 8.97 -25.24 -21.05
N TPO B 178 8.38 -25.66 -19.94
CA TPO B 178 6.99 -26.05 -19.92
CB TPO B 178 6.83 -27.18 -18.89
CG2 TPO B 178 7.45 -28.47 -19.34
OG1 TPO B 178 7.59 -26.76 -17.71
P TPO B 178 7.25 -27.21 -16.19
O1P TPO B 178 5.79 -27.61 -16.20
O2P TPO B 178 7.54 -25.99 -15.33
O3P TPO B 178 8.20 -28.38 -15.94
C TPO B 178 6.09 -24.85 -19.59
O TPO B 178 4.91 -24.89 -19.90
N MET B 179 6.65 -23.79 -18.99
CA MET B 179 5.85 -22.64 -18.59
C MET B 179 6.47 -21.36 -19.16
N ALA B 180 6.12 -20.99 -20.40
CA ALA B 180 6.72 -19.86 -21.13
C ALA B 180 6.09 -18.54 -20.64
N LYS B 181 4.97 -18.64 -19.93
CA LYS B 181 4.26 -17.45 -19.37
C LYS B 181 3.89 -17.70 -17.91
N ARG B 182 3.90 -16.66 -17.09
CA ARG B 182 3.29 -16.65 -15.73
C ARG B 182 1.88 -16.06 -15.85
N ASN B 183 0.98 -16.37 -14.92
CA ASN B 183 -0.32 -15.64 -14.97
CA ASN B 183 -0.43 -15.93 -14.90
C ASN B 183 -0.78 -15.20 -13.59
N TPO B 184 0.10 -15.25 -12.58
CA TPO B 184 -0.23 -14.72 -11.25
CB TPO B 184 0.79 -15.14 -10.19
CG2 TPO B 184 0.35 -14.81 -8.76
OG1 TPO B 184 0.95 -16.59 -10.23
P TPO B 184 2.42 -17.26 -10.57
O1P TPO B 184 2.11 -18.72 -10.70
O2P TPO B 184 2.94 -16.67 -11.87
O3P TPO B 184 3.35 -16.91 -9.44
C TPO B 184 -0.37 -13.21 -11.32
O TPO B 184 0.53 -12.50 -11.80
N VAL B 185 -1.53 -12.72 -10.85
CA VAL B 185 -1.72 -11.28 -10.70
C VAL B 185 -0.99 -10.87 -9.42
N ILE B 186 0.22 -10.35 -9.55
CA ILE B 186 1.02 -10.03 -8.34
C ILE B 186 1.98 -8.89 -8.65
N GLY B 187 2.39 -8.16 -7.62
CA GLY B 187 3.24 -6.97 -7.71
C GLY B 187 2.70 -5.91 -6.77
N THR B 188 3.07 -4.65 -7.01
CA THR B 188 2.59 -3.48 -6.25
C THR B 188 1.77 -2.63 -7.21
N PRO B 189 0.43 -2.51 -6.97
CA PRO B 189 -0.48 -1.98 -7.99
C PRO B 189 0.05 -0.84 -8.88
N PHE B 190 0.53 0.27 -8.31
CA PHE B 190 0.89 1.45 -9.14
C PHE B 190 1.95 1.09 -10.20
N TRP B 191 2.74 0.04 -9.97
CA TRP B 191 3.91 -0.35 -10.82
C TRP B 191 3.55 -1.52 -11.73
N MET B 192 2.36 -2.11 -11.60
CA MET B 192 2.05 -3.38 -12.29
C MET B 192 1.72 -3.13 -13.76
N ALA B 193 2.23 -4.00 -14.65
CA ALA B 193 1.98 -3.95 -16.09
C ALA B 193 0.53 -4.34 -16.38
N PRO B 194 -0.06 -3.79 -17.45
CA PRO B 194 -1.43 -4.13 -17.83
C PRO B 194 -1.67 -5.63 -18.04
N GLU B 195 -0.71 -6.34 -18.67
CA GLU B 195 -0.88 -7.77 -18.98
C GLU B 195 -0.80 -8.59 -17.67
N VAL B 196 -0.16 -8.09 -16.63
CA VAL B 196 -0.12 -8.77 -15.30
C VAL B 196 -1.48 -8.65 -14.60
N ILE B 197 -2.09 -7.47 -14.72
CA ILE B 197 -3.44 -7.19 -14.15
C ILE B 197 -4.49 -8.00 -14.92
N GLN B 198 -4.44 -8.03 -16.25
CA GLN B 198 -5.42 -8.75 -17.09
C GLN B 198 -5.14 -10.24 -16.96
N GLU B 199 -6.15 -11.07 -17.25
CA GLU B 199 -6.12 -12.52 -16.99
C GLU B 199 -5.01 -13.21 -17.82
N ILE B 200 -4.71 -12.67 -18.99
CA ILE B 200 -3.70 -13.23 -19.94
C ILE B 200 -2.36 -13.41 -19.22
N GLY B 201 -1.65 -14.47 -19.63
CA GLY B 201 -0.28 -14.73 -19.18
C GLY B 201 0.68 -13.69 -19.70
N TYR B 202 1.87 -13.64 -19.13
CA TYR B 202 2.85 -12.58 -19.39
C TYR B 202 4.25 -13.15 -19.17
N ASN B 203 5.24 -12.34 -19.49
CA ASN B 203 6.65 -12.78 -19.50
C ASN B 203 7.51 -11.64 -18.96
N CYS B 204 8.83 -11.69 -19.21
CA CYS B 204 9.84 -10.84 -18.57
C CYS B 204 9.56 -9.36 -18.83
N VAL B 205 8.97 -8.97 -19.97
CA VAL B 205 8.87 -7.52 -20.28
C VAL B 205 7.84 -6.83 -19.39
N ALA B 206 7.09 -7.55 -18.55
CA ALA B 206 6.28 -6.91 -17.47
C ALA B 206 7.20 -6.02 -16.63
N ASP B 207 8.44 -6.46 -16.39
CA ASP B 207 9.40 -5.67 -15.58
C ASP B 207 9.75 -4.34 -16.27
N ILE B 208 9.77 -4.31 -17.59
CA ILE B 208 10.08 -3.07 -18.37
C ILE B 208 8.98 -2.02 -18.14
N TRP B 209 7.71 -2.42 -18.15
CA TRP B 209 6.62 -1.50 -17.76
C TRP B 209 6.91 -0.96 -16.34
N SER B 210 7.16 -1.83 -15.37
CA SER B 210 7.41 -1.42 -13.96
C SER B 210 8.61 -0.44 -13.94
N LEU B 211 9.62 -0.68 -14.78
CA LEU B 211 10.83 0.20 -14.87
C LEU B 211 10.41 1.60 -15.30
N GLY B 212 9.49 1.70 -16.27
CA GLY B 212 9.00 2.99 -16.75
C GLY B 212 8.31 3.77 -15.62
N ILE B 213 7.45 3.09 -14.88
CA ILE B 213 6.77 3.70 -13.70
C ILE B 213 7.84 4.15 -12.71
N THR B 214 8.84 3.31 -12.45
CA THR B 214 9.98 3.63 -11.55
C THR B 214 10.73 4.88 -12.01
N ALA B 215 10.95 5.05 -13.31
CA ALA B 215 11.58 6.27 -13.88
C ALA B 215 10.76 7.50 -13.49
N ILE B 216 9.43 7.45 -13.65
CA ILE B 216 8.55 8.60 -13.29
C ILE B 216 8.66 8.81 -11.78
N GLU B 217 8.62 7.74 -10.99
CA GLU B 217 8.72 7.78 -9.51
C GLU B 217 10.01 8.49 -9.09
N MET B 218 11.12 8.24 -9.78
CA MET B 218 12.43 8.84 -9.42
C MET B 218 12.46 10.31 -9.81
N ALA B 219 11.77 10.69 -10.88
CA ALA B 219 11.73 12.07 -11.37
C ALA B 219 10.73 12.92 -10.55
N GLU B 220 9.62 12.33 -10.10
CA GLU B 220 8.48 13.07 -9.49
C GLU B 220 8.35 12.75 -8.00
N GLY B 221 8.97 11.68 -7.52
CA GLY B 221 8.93 11.30 -6.09
C GLY B 221 7.87 10.26 -5.81
N LYS B 222 6.91 10.06 -6.70
CA LYS B 222 5.85 9.05 -6.52
C LYS B 222 5.38 8.63 -7.90
N PRO B 223 4.84 7.41 -8.06
CA PRO B 223 4.37 6.96 -9.36
C PRO B 223 3.06 7.65 -9.74
N PRO B 224 2.64 7.54 -11.01
CA PRO B 224 1.28 7.93 -11.40
C PRO B 224 0.27 7.17 -10.53
N TYR B 225 -0.83 7.85 -10.18
CA TYR B 225 -1.97 7.31 -9.37
C TYR B 225 -1.61 7.20 -7.89
N ALA B 226 -0.47 7.73 -7.44
CA ALA B 226 0.00 7.55 -6.05
C ALA B 226 -1.04 8.02 -5.03
N ASP B 227 -1.92 8.96 -5.40
CA ASP B 227 -2.82 9.62 -4.44
C ASP B 227 -4.22 9.01 -4.54
N ILE B 228 -4.44 7.98 -5.37
CA ILE B 228 -5.77 7.31 -5.41
C ILE B 228 -5.61 5.89 -4.86
N HIS B 229 -6.74 5.20 -4.76
CA HIS B 229 -6.76 3.84 -4.17
C HIS B 229 -5.99 2.92 -5.12
N PRO B 230 -5.09 2.06 -4.58
CA PRO B 230 -4.43 1.07 -5.40
C PRO B 230 -5.38 0.24 -6.28
N MET B 231 -6.54 -0.15 -5.77
CA MET B 231 -7.49 -0.96 -6.57
C MET B 231 -8.14 -0.10 -7.67
N ARG B 232 -8.25 1.22 -7.50
CA ARG B 232 -8.68 2.09 -8.61
C ARG B 232 -7.57 2.14 -9.67
N ALA B 233 -6.29 2.22 -9.27
CA ALA B 233 -5.18 2.11 -10.24
C ALA B 233 -5.27 0.79 -10.99
N ILE B 234 -5.53 -0.32 -10.31
CA ILE B 234 -5.63 -1.66 -10.98
C ILE B 234 -6.70 -1.60 -12.09
N PHE B 235 -7.80 -0.88 -11.83
CA PHE B 235 -8.97 -0.78 -12.75
C PHE B 235 -8.53 0.05 -13.96
N MET B 236 -7.71 1.07 -13.75
CA MET B 236 -7.41 2.08 -14.80
C MET B 236 -6.24 1.67 -15.69
N ILE B 237 -5.24 0.96 -15.17
CA ILE B 237 -3.95 0.74 -15.89
C ILE B 237 -4.24 0.05 -17.22
N PRO B 238 -5.12 -0.97 -17.30
CA PRO B 238 -5.35 -1.65 -18.58
C PRO B 238 -6.08 -0.76 -19.59
N THR B 239 -6.90 0.18 -19.14
CA THR B 239 -7.79 0.97 -20.04
C THR B 239 -7.19 2.35 -20.33
N ASN B 240 -6.47 2.96 -19.40
CA ASN B 240 -5.95 4.34 -19.60
C ASN B 240 -4.85 4.31 -20.65
N PRO B 241 -4.60 5.45 -21.33
CA PRO B 241 -3.37 5.57 -22.12
C PRO B 241 -2.18 5.41 -21.19
N PRO B 242 -0.98 5.06 -21.71
CA PRO B 242 0.23 5.03 -20.90
C PRO B 242 0.43 6.36 -20.18
N PRO B 243 0.84 6.34 -18.91
CA PRO B 243 1.12 7.59 -18.21
C PRO B 243 2.36 8.31 -18.77
N THR B 244 2.37 9.60 -18.49
CA THR B 244 3.46 10.54 -18.87
C THR B 244 3.81 11.35 -17.63
N PHE B 245 4.82 12.21 -17.74
CA PHE B 245 5.22 13.13 -16.66
C PHE B 245 4.05 14.08 -16.37
N ARG B 246 3.89 14.47 -15.11
CA ARG B 246 2.89 15.46 -14.62
C ARG B 246 3.20 16.82 -15.28
N LYS B 247 4.48 17.19 -15.40
CA LYS B 247 4.96 18.49 -15.96
C LYS B 247 5.93 18.18 -17.11
N PRO B 248 5.42 17.87 -18.31
CA PRO B 248 6.25 17.35 -19.40
C PRO B 248 7.37 18.31 -19.83
N GLU B 249 7.16 19.62 -19.67
CA GLU B 249 8.12 20.66 -20.12
C GLU B 249 9.39 20.64 -19.25
N LEU B 250 9.38 20.01 -18.07
CA LEU B 250 10.60 19.92 -17.21
C LEU B 250 11.63 18.93 -17.77
N TRP B 251 11.28 18.07 -18.72
CA TRP B 251 12.04 16.81 -18.98
C TRP B 251 12.52 16.76 -20.44
N SER B 252 13.72 16.23 -20.66
CA SER B 252 14.38 16.18 -22.00
C SER B 252 13.55 15.30 -22.94
N ASP B 253 13.72 15.47 -24.23
CA ASP B 253 13.14 14.58 -25.27
C ASP B 253 13.62 13.13 -25.00
N ASN B 254 14.91 12.94 -24.69
CA ASN B 254 15.46 11.58 -24.47
C ASN B 254 14.75 10.92 -23.27
N PHE B 255 14.58 11.63 -22.16
CA PHE B 255 13.96 11.04 -20.95
C PHE B 255 12.50 10.71 -21.26
N THR B 256 11.79 11.65 -21.89
CA THR B 256 10.37 11.50 -22.29
C THR B 256 10.22 10.26 -23.19
N ASP B 257 11.10 10.13 -24.20
CA ASP B 257 11.01 8.97 -25.11
C ASP B 257 11.34 7.67 -24.38
N PHE B 258 12.31 7.70 -23.45
CA PHE B 258 12.70 6.48 -22.70
C PHE B 258 11.47 5.94 -21.95
N VAL B 259 10.77 6.80 -21.23
CA VAL B 259 9.54 6.45 -20.48
C VAL B 259 8.47 5.95 -21.45
N LYS B 260 8.25 6.64 -22.57
CA LYS B 260 7.27 6.17 -23.58
C LYS B 260 7.59 4.75 -24.06
N GLN B 261 8.86 4.44 -24.30
CA GLN B 261 9.26 3.08 -24.76
C GLN B 261 9.02 2.03 -23.67
N CYS B 262 9.25 2.37 -22.40
CA CYS B 262 9.02 1.42 -21.28
C CYS B 262 7.52 1.15 -21.17
N LEU B 263 6.68 2.18 -21.37
CA LEU B 263 5.24 2.14 -21.06
C LEU B 263 4.44 1.90 -22.33
N VAL B 264 4.90 0.97 -23.15
CA VAL B 264 4.12 0.49 -24.31
C VAL B 264 3.14 -0.55 -23.75
N LYS B 265 1.85 -0.41 -24.02
CA LYS B 265 0.84 -1.28 -23.37
C LYS B 265 0.91 -2.69 -23.95
N SER B 266 1.18 -2.83 -25.25
CA SER B 266 1.37 -4.17 -25.87
C SER B 266 2.67 -4.79 -25.36
N PRO B 267 2.65 -5.88 -24.56
CA PRO B 267 3.92 -6.49 -24.16
C PRO B 267 4.68 -7.08 -25.36
N GLU B 268 3.99 -7.55 -26.37
CA GLU B 268 4.66 -8.17 -27.55
C GLU B 268 5.52 -7.09 -28.23
N GLN B 269 5.06 -5.83 -28.22
CA GLN B 269 5.75 -4.72 -28.91
C GLN B 269 6.77 -4.07 -28.01
N ARG B 270 6.66 -4.25 -26.70
CA ARG B 270 7.47 -3.51 -25.70
C ARG B 270 8.95 -3.85 -25.86
N ALA B 271 9.79 -2.83 -25.73
CA ALA B 271 11.26 -2.94 -25.77
C ALA B 271 11.76 -3.89 -24.68
N THR B 272 12.85 -4.60 -24.97
CA THR B 272 13.58 -5.44 -24.01
C THR B 272 14.59 -4.61 -23.24
N ALA B 273 15.08 -5.13 -22.12
CA ALA B 273 16.20 -4.56 -21.34
C ALA B 273 17.40 -4.32 -22.26
N THR B 274 17.81 -5.32 -23.06
CA THR B 274 18.95 -5.20 -24.01
C THR B 274 18.75 -3.97 -24.90
N GLN B 275 17.56 -3.85 -25.48
CA GLN B 275 17.25 -2.74 -26.41
C GLN B 275 17.27 -1.40 -25.69
N LEU B 276 16.76 -1.34 -24.46
CA LEU B 276 16.69 -0.06 -23.72
C LEU B 276 18.10 0.37 -23.23
N LEU B 277 19.02 -0.56 -23.02
CA LEU B 277 20.42 -0.19 -22.71
C LEU B 277 21.05 0.61 -23.87
N GLN B 278 20.50 0.53 -25.09
CA GLN B 278 20.95 1.32 -26.26
C GLN B 278 20.12 2.60 -26.41
N HIS B 279 19.10 2.84 -25.61
CA HIS B 279 18.30 4.09 -25.71
C HIS B 279 19.21 5.27 -25.41
N PRO B 280 19.17 6.37 -26.17
CA PRO B 280 20.04 7.51 -25.92
C PRO B 280 19.98 8.04 -24.49
N PHE B 281 18.86 7.88 -23.78
CA PHE B 281 18.76 8.34 -22.37
C PHE B 281 19.73 7.54 -21.50
N VAL B 282 19.88 6.25 -21.77
CA VAL B 282 20.66 5.30 -20.93
C VAL B 282 22.09 5.20 -21.46
N ARG B 283 22.25 5.15 -22.79
CA ARG B 283 23.49 4.70 -23.47
C ARG B 283 24.70 5.55 -23.05
N SER B 284 24.50 6.85 -22.83
CA SER B 284 25.57 7.80 -22.46
C SER B 284 25.43 8.24 -20.98
N ALA B 285 24.81 7.43 -20.12
CA ALA B 285 24.79 7.70 -18.67
C ALA B 285 26.23 7.96 -18.17
N LYS B 286 26.38 8.87 -17.22
CA LYS B 286 27.65 9.14 -16.52
C LYS B 286 27.97 7.98 -15.59
N GLY B 287 29.23 7.87 -15.18
CA GLY B 287 29.63 6.85 -14.19
C GLY B 287 29.02 7.13 -12.82
N VAL B 288 29.21 6.17 -11.92
CA VAL B 288 28.62 6.14 -10.55
C VAL B 288 29.13 7.33 -9.72
N SER B 289 30.23 7.99 -10.11
CA SER B 289 30.77 9.17 -9.38
C SER B 289 29.66 10.22 -9.23
N ILE B 290 28.80 10.40 -10.25
CA ILE B 290 27.74 11.45 -10.21
C ILE B 290 26.78 11.18 -9.06
N LEU B 291 26.78 9.98 -8.49
CA LEU B 291 25.87 9.61 -7.37
C LEU B 291 26.55 9.84 -6.01
N ARG B 292 27.80 10.35 -5.97
CA ARG B 292 28.60 10.35 -4.72
C ARG B 292 28.06 11.45 -3.80
N ASP B 293 27.87 12.65 -4.34
CA ASP B 293 27.30 13.80 -3.58
C ASP B 293 25.99 13.34 -2.96
N LEU B 294 25.09 12.80 -3.79
CA LEU B 294 23.73 12.52 -3.31
C LEU B 294 23.79 11.35 -2.32
N ILE B 295 24.68 10.36 -2.47
CA ILE B 295 24.78 9.26 -1.45
C ILE B 295 25.29 9.86 -0.13
N ASN B 296 26.35 10.67 -0.19
CA ASN B 296 26.97 11.30 1.00
C ASN B 296 25.88 12.09 1.75
N GLU B 297 25.15 12.96 1.04
CA GLU B 297 24.05 13.79 1.62
C GLU B 297 23.03 12.87 2.31
N ALA B 298 22.57 11.82 1.63
CA ALA B 298 21.51 10.91 2.12
C ALA B 298 21.98 10.20 3.39
N MET B 299 23.24 9.78 3.42
CA MET B 299 23.82 9.07 4.59
C MET B 299 24.11 10.08 5.71
N ASP B 300 24.37 11.36 5.40
CA ASP B 300 24.54 12.45 6.40
C ASP B 300 23.18 12.74 7.08
C5 XOZ C . -11.59 15.07 10.32
C7 XOZ C . -10.05 14.89 12.01
C8 XOZ C . -9.14 14.27 11.16
C15 XOZ C . -5.72 10.84 10.56
C17 XOZ C . -3.52 10.02 11.00
C20 XOZ C . -0.75 7.97 10.61
C22 XOZ C . 1.13 7.48 12.12
C24 XOZ C . -7.08 10.56 10.74
C28 XOZ C . -9.89 13.92 6.31
O21 XOZ C . -0.02 6.97 11.38
C19 XOZ C . -1.37 9.02 11.54
N18 XOZ C . -2.84 8.99 11.49
O23 XOZ C . -2.91 10.99 10.55
N16 XOZ C . -4.85 9.95 11.08
C25 XOZ C . -8.03 11.42 10.22
F26 XOZ C . -9.31 11.14 10.42
C14 XOZ C . -5.35 11.98 9.83
C12 XOZ C . -6.33 12.84 9.32
F13 XOZ C . -5.96 13.94 8.62
C11 XOZ C . -7.68 12.56 9.51
O10 XOZ C . -8.64 13.38 8.97
C9 XOZ C . -9.49 14.02 9.83
C1 XOZ C . -10.74 14.43 9.40
N6 XOZ C . -11.23 15.27 11.59
N4 XOZ C . -12.71 15.35 9.66
C3 XOZ C . -12.63 14.96 8.43
C2 XOZ C . -11.47 14.39 8.20
C27 XOZ C . -11.08 13.87 6.96
N29 XOZ C . -9.87 13.34 5.09
C30 XOZ C . -11.06 12.85 4.67
S31 XOZ C . -12.22 13.09 5.92
C1 GOL D . -5.69 2.90 8.92
O1 GOL D . -5.75 1.49 9.09
C2 GOL D . -5.32 3.32 7.52
O2 GOL D . -4.22 4.22 7.59
C3 GOL D . -6.45 3.98 6.75
O3 GOL D . -7.38 3.02 6.25
C5 XOZ E . 21.37 -4.36 2.29
C7 XOZ E . 21.57 -2.39 3.50
C8 XOZ E . 20.24 -2.44 3.88
C15 XOZ E . 15.95 -0.03 4.21
C17 XOZ E . 14.60 1.64 5.30
C20 XOZ E . 14.26 4.36 6.83
C22 XOZ E . 16.59 4.53 6.12
C24 XOZ E . 16.01 -0.96 5.26
C28 XOZ E . 17.35 -6.35 2.88
O21 XOZ E . 15.24 5.01 5.94
C19 XOZ E . 13.20 3.52 6.07
N18 XOZ E . 13.91 2.74 5.04
O23 XOZ E . 14.63 1.16 6.43
N16 XOZ E . 15.24 1.11 4.24
C25 XOZ E . 16.77 -2.13 5.11
F26 XOZ E . 16.84 -3.02 6.12
C14 XOZ E . 16.63 -0.29 3.02
C12 XOZ E . 17.39 -1.45 2.88
F13 XOZ E . 18.04 -1.65 1.72
C11 XOZ E . 17.46 -2.37 3.92
O10 XOZ E . 18.16 -3.56 3.80
C9 XOZ E . 19.46 -3.51 3.43
C1 XOZ E . 20.03 -4.50 2.61
N6 XOZ E . 22.10 -3.34 2.73
N4 XOZ E . 21.70 -5.42 1.55
C3 XOZ E . 20.65 -6.22 1.36
C2 XOZ E . 19.61 -5.69 1.98
C27 XOZ E . 18.33 -6.32 1.96
N29 XOZ E . 16.27 -7.08 2.54
C30 XOZ E . 16.32 -7.65 1.32
S31 XOZ E . 17.81 -7.25 0.59
C1 GOL F . 8.77 -0.06 -0.41
O1 GOL F . 9.07 -0.52 -1.72
C2 GOL F . 9.43 1.28 -0.11
O2 GOL F . 9.69 1.36 1.29
C3 GOL F . 8.60 2.47 -0.54
O3 GOL F . 9.15 3.13 -1.68
S CXS G . 21.97 -21.99 2.61
O1 CXS G . 20.70 -21.27 2.08
O2 CXS G . 22.97 -21.09 3.11
O3 CXS G . 22.42 -22.95 1.64
C1 CXS G . 21.36 -22.92 3.99
C2 CXS G . 22.45 -23.79 4.61
C3 CXS G . 22.01 -24.56 5.84
N CXS G . 23.18 -24.94 6.63
C4 CXS G . 22.99 -26.02 7.59
C5 CXS G . 24.32 -26.32 8.28
C6 CXS G . 24.17 -27.40 9.35
C7 CXS G . 23.09 -27.06 10.34
C8 CXS G . 21.77 -26.83 9.64
C9 CXS G . 21.89 -25.71 8.60
#